data_2OTW
#
_entry.id   2OTW
#
_cell.length_a   165.290
_cell.length_b   78.724
_cell.length_c   49.997
_cell.angle_alpha   90.00
_cell.angle_beta   90.00
_cell.angle_gamma   90.00
#
_symmetry.space_group_name_H-M   'P 21 21 2'
#
loop_
_entity.id
_entity.type
_entity.pdbx_description
1 polymer 'Fv light chain avriable domain VL'
2 polymer 'Fv heavy chain variable domain VH'
3 polymer 'poly-Gln peptide antigen'
4 water water
#
loop_
_entity_poly.entity_id
_entity_poly.type
_entity_poly.pdbx_seq_one_letter_code
_entity_poly.pdbx_strand_id
1 'polypeptide(L)'
;MQLVLTQSSSASFSLGASAKLTCTLSSQHSTYTIEWYQQQPLKPPKYVMELKKDGSHSTGDGIPDRFSGSSSGADRYLSI
SNIQPEDEAIYICGVGDTIKEQFVYVFGGGTKVTV
;
A,C
2 'polypeptide(L)'
;QVQLQESGGGLVQPGGSLKLSCAASGFTFRDYYMYWVRQTPEKRLEWVAFISNGGGSTYYPDTVKGRFTISRDNAKNTLY
LQMSRLKSEDTAMYYCARGRGYVWFAYWGQGTTVTVSS
;
B,D
3 'polypeptide(L)' GQQQQQQQQQQG E,F
#
# COMPACT_ATOMS: atom_id res chain seq x y z
N MET A 1 11.06 0.02 14.27
CA MET A 1 10.22 0.44 13.11
C MET A 1 10.28 -0.60 12.00
N GLN A 2 9.36 -0.50 11.05
CA GLN A 2 9.31 -1.44 9.94
C GLN A 2 10.39 -1.16 8.90
N LEU A 3 10.82 -2.22 8.22
CA LEU A 3 11.82 -2.10 7.17
C LEU A 3 11.05 -1.67 5.93
N VAL A 4 11.25 -0.43 5.48
CA VAL A 4 10.54 0.06 4.29
C VAL A 4 11.48 0.76 3.30
N LEU A 5 11.09 0.78 2.03
CA LEU A 5 11.86 1.45 1.00
C LEU A 5 10.93 2.46 0.34
N THR A 6 11.43 3.68 0.19
CA THR A 6 10.68 4.75 -0.42
C THR A 6 11.46 5.17 -1.66
N GLN A 7 10.82 5.13 -2.81
CA GLN A 7 11.50 5.50 -4.06
C GLN A 7 11.09 6.85 -4.62
N SER A 8 12.07 7.55 -5.19
CA SER A 8 11.83 8.86 -5.78
C SER A 8 10.69 8.83 -6.79
N SER A 9 10.15 9.99 -7.10
CA SER A 9 9.05 10.11 -8.05
C SER A 9 9.43 9.68 -9.46
N SER A 10 8.42 9.34 -10.25
CA SER A 10 8.64 8.92 -11.63
C SER A 10 8.94 10.16 -12.45
N ALA A 11 9.84 10.05 -13.41
CA ALA A 11 10.18 11.18 -14.26
C ALA A 11 10.63 10.79 -15.65
N SER A 12 10.65 11.76 -16.56
CA SER A 12 11.07 11.52 -17.93
C SER A 12 12.46 12.08 -18.16
N PHE A 13 13.21 11.48 -19.08
CA PHE A 13 14.55 11.92 -19.40
C PHE A 13 14.79 12.07 -20.89
N SER A 14 15.81 12.83 -21.23
CA SER A 14 16.18 13.07 -22.62
C SER A 14 17.47 12.30 -22.93
N LEU A 15 17.49 11.61 -24.06
CA LEU A 15 18.64 10.82 -24.48
C LEU A 15 19.95 11.53 -24.13
N GLY A 16 21.00 10.75 -23.90
CA GLY A 16 22.28 11.32 -23.56
C GLY A 16 22.35 11.98 -22.19
N ALA A 17 21.21 12.43 -21.68
CA ALA A 17 21.20 13.08 -20.37
C ALA A 17 21.63 12.10 -19.29
N SER A 18 21.59 12.53 -18.02
CA SER A 18 21.98 11.67 -16.91
C SER A 18 20.84 11.58 -15.90
N ALA A 19 20.60 10.37 -15.41
CA ALA A 19 19.53 10.15 -14.46
C ALA A 19 19.99 9.70 -13.08
N LYS A 20 19.25 10.12 -12.06
CA LYS A 20 19.54 9.74 -10.70
C LYS A 20 18.23 9.31 -10.06
N LEU A 21 18.15 8.03 -9.68
CA LEU A 21 16.96 7.47 -9.06
C LEU A 21 17.25 7.23 -7.59
N THR A 22 16.31 7.60 -6.74
CA THR A 22 16.50 7.46 -5.31
C THR A 22 15.63 6.40 -4.62
N CYS A 23 16.21 5.71 -3.66
CA CYS A 23 15.54 4.70 -2.86
C CYS A 23 15.98 4.96 -1.42
N THR A 24 15.03 5.30 -0.55
CA THR A 24 15.34 5.60 0.84
C THR A 24 14.96 4.50 1.83
N LEU A 25 15.94 4.03 2.59
CA LEU A 25 15.73 3.01 3.59
C LEU A 25 15.14 3.67 4.84
N SER A 26 14.41 2.90 5.64
CA SER A 26 13.85 3.45 6.87
C SER A 26 15.08 3.74 7.75
N SER A 27 15.05 4.87 8.45
CA SER A 27 16.17 5.29 9.30
C SER A 27 16.83 4.18 10.12
N GLN A 28 16.03 3.36 10.77
CA GLN A 28 16.55 2.27 11.59
C GLN A 28 17.36 1.26 10.78
N HIS A 29 17.31 1.36 9.47
CA HIS A 29 18.04 0.42 8.63
C HIS A 29 18.93 1.09 7.59
N SER A 30 19.32 2.33 7.87
CA SER A 30 20.16 3.10 6.94
C SER A 30 21.52 2.53 6.58
N THR A 31 21.95 1.46 7.24
CA THR A 31 23.25 0.86 6.94
C THR A 31 23.13 -0.31 5.98
N TYR A 32 21.89 -0.74 5.73
CA TYR A 32 21.59 -1.88 4.86
C TYR A 32 22.06 -1.81 3.39
N THR A 33 22.36 -2.99 2.85
CA THR A 33 22.76 -3.13 1.46
C THR A 33 21.44 -3.41 0.74
N ILE A 34 21.21 -2.78 -0.41
CA ILE A 34 19.97 -3.00 -1.16
C ILE A 34 20.28 -3.47 -2.57
N GLU A 35 19.22 -3.77 -3.34
CA GLU A 35 19.38 -4.18 -4.71
C GLU A 35 18.51 -3.34 -5.62
N TRP A 36 18.99 -3.12 -6.83
CA TRP A 36 18.23 -2.38 -7.81
C TRP A 36 17.78 -3.39 -8.86
N TYR A 37 16.53 -3.28 -9.30
CA TYR A 37 16.00 -4.17 -10.32
C TYR A 37 15.40 -3.32 -11.43
N GLN A 38 15.52 -3.81 -12.66
CA GLN A 38 14.99 -3.12 -13.82
C GLN A 38 13.98 -4.00 -14.52
N GLN A 39 12.77 -3.50 -14.71
CA GLN A 39 11.76 -4.28 -15.41
C GLN A 39 11.19 -3.53 -16.60
N GLN A 40 11.42 -4.07 -17.78
CA GLN A 40 10.90 -3.47 -19.02
C GLN A 40 9.51 -4.06 -19.24
N PRO A 41 8.70 -3.43 -20.10
CA PRO A 41 7.35 -3.94 -20.37
C PRO A 41 7.27 -5.42 -20.74
N LEU A 42 6.41 -6.13 -20.02
CA LEU A 42 6.18 -7.56 -20.24
C LEU A 42 7.43 -8.42 -20.18
N LYS A 43 8.39 -7.99 -19.37
CA LYS A 43 9.62 -8.73 -19.18
C LYS A 43 9.77 -8.99 -17.70
N PRO A 44 10.45 -10.07 -17.33
CA PRO A 44 10.63 -10.36 -15.92
C PRO A 44 11.54 -9.29 -15.32
N PRO A 45 11.48 -9.08 -14.01
CA PRO A 45 12.38 -8.05 -13.50
C PRO A 45 13.81 -8.53 -13.77
N LYS A 46 14.77 -7.62 -13.75
CA LYS A 46 16.16 -7.99 -13.96
C LYS A 46 17.08 -7.37 -12.91
N TYR A 47 17.99 -8.19 -12.40
CA TYR A 47 18.94 -7.76 -11.39
C TYR A 47 19.95 -6.78 -11.98
N VAL A 48 20.04 -5.58 -11.40
CA VAL A 48 20.97 -4.56 -11.87
C VAL A 48 22.22 -4.45 -11.00
N MET A 49 22.03 -4.27 -9.70
CA MET A 49 23.17 -4.17 -8.80
C MET A 49 22.85 -4.27 -7.32
N GLU A 50 23.91 -4.46 -6.55
CA GLU A 50 23.87 -4.54 -5.10
C GLU A 50 24.59 -3.27 -4.63
N LEU A 51 23.91 -2.46 -3.83
CA LEU A 51 24.48 -1.19 -3.37
C LEU A 51 24.59 -1.10 -1.83
N LYS A 52 25.82 -1.02 -1.34
CA LYS A 52 26.10 -0.94 0.10
C LYS A 52 26.06 0.46 0.70
N LYS A 53 26.22 0.54 2.01
CA LYS A 53 26.19 1.82 2.73
C LYS A 53 27.29 2.80 2.32
N ASP A 54 28.47 2.28 2.01
CA ASP A 54 29.60 3.12 1.60
C ASP A 54 29.48 3.45 0.12
N GLY A 55 28.36 3.03 -0.48
CA GLY A 55 28.13 3.31 -1.88
C GLY A 55 28.79 2.34 -2.86
N SER A 56 29.65 1.46 -2.37
CA SER A 56 30.32 0.51 -3.25
C SER A 56 29.26 -0.41 -3.82
N HIS A 57 29.49 -0.89 -5.03
CA HIS A 57 28.50 -1.74 -5.66
C HIS A 57 29.09 -2.69 -6.67
N SER A 58 28.30 -3.70 -7.03
CA SER A 58 28.69 -4.68 -8.03
C SER A 58 27.44 -4.88 -8.86
N THR A 59 27.55 -4.71 -10.16
CA THR A 59 26.42 -4.87 -11.04
C THR A 59 26.29 -6.32 -11.47
N GLY A 60 25.10 -6.65 -11.97
CA GLY A 60 24.86 -8.00 -12.44
C GLY A 60 25.35 -8.11 -13.86
N ASP A 61 25.11 -9.26 -14.48
CA ASP A 61 25.52 -9.47 -15.86
C ASP A 61 24.60 -8.73 -16.81
N GLY A 62 25.13 -8.34 -17.96
CA GLY A 62 24.34 -7.64 -18.94
C GLY A 62 24.00 -6.21 -18.60
N ILE A 63 24.67 -5.64 -17.61
CA ILE A 63 24.40 -4.25 -17.22
C ILE A 63 25.49 -3.30 -17.73
N PRO A 64 25.12 -2.38 -18.63
CA PRO A 64 26.05 -1.40 -19.21
C PRO A 64 26.81 -0.66 -18.12
N ASP A 65 28.07 -0.31 -18.39
CA ASP A 65 28.87 0.40 -17.39
C ASP A 65 28.33 1.80 -17.12
N ARG A 66 27.38 2.26 -17.93
CA ARG A 66 26.80 3.57 -17.73
C ARG A 66 25.79 3.52 -16.58
N PHE A 67 25.89 2.45 -15.80
CA PHE A 67 25.04 2.23 -14.64
C PHE A 67 25.98 2.20 -13.44
N SER A 68 25.71 3.06 -12.47
CA SER A 68 26.54 3.12 -11.28
C SER A 68 25.66 3.43 -10.10
N GLY A 69 26.22 3.31 -8.90
CA GLY A 69 25.44 3.60 -7.71
C GLY A 69 26.25 4.30 -6.65
N SER A 70 25.54 4.96 -5.74
CA SER A 70 26.18 5.67 -4.64
C SER A 70 25.19 5.79 -3.51
N SER A 71 25.69 6.19 -2.34
CA SER A 71 24.83 6.34 -1.18
C SER A 71 24.99 7.72 -0.54
N SER A 72 24.04 8.03 0.34
CA SER A 72 24.01 9.28 1.06
C SER A 72 23.14 8.98 2.27
N GLY A 73 23.77 8.49 3.33
CA GLY A 73 23.02 8.16 4.52
C GLY A 73 22.08 7.00 4.23
N ALA A 74 20.79 7.23 4.42
CA ALA A 74 19.79 6.18 4.19
C ALA A 74 19.44 6.04 2.71
N ASP A 75 19.80 7.05 1.92
CA ASP A 75 19.53 7.03 0.50
C ASP A 75 20.49 6.12 -0.25
N ARG A 76 19.98 5.51 -1.31
CA ARG A 76 20.73 4.61 -2.17
C ARG A 76 20.38 5.10 -3.56
N TYR A 77 21.36 5.49 -4.36
CA TYR A 77 21.06 6.00 -5.69
C TYR A 77 21.47 5.10 -6.84
N LEU A 78 20.67 5.14 -7.90
CA LEU A 78 20.97 4.40 -9.10
C LEU A 78 21.25 5.49 -10.13
N SER A 79 22.48 5.56 -10.62
CA SER A 79 22.85 6.58 -11.60
C SER A 79 22.97 5.98 -13.00
N ILE A 80 22.38 6.67 -13.97
CA ILE A 80 22.41 6.24 -15.36
C ILE A 80 23.02 7.36 -16.20
N SER A 81 24.31 7.28 -16.48
CA SER A 81 24.99 8.29 -17.29
C SER A 81 24.61 8.04 -18.74
N ASN A 82 24.53 9.10 -19.52
CA ASN A 82 24.11 8.98 -20.92
C ASN A 82 22.72 8.38 -20.68
N ILE A 83 22.07 7.89 -21.73
CA ILE A 83 20.75 7.30 -21.57
C ILE A 83 20.40 6.85 -22.95
N GLN A 84 19.58 5.80 -23.03
CA GLN A 84 19.19 5.26 -24.31
C GLN A 84 17.73 4.86 -24.20
N PRO A 85 17.08 4.60 -25.33
CA PRO A 85 15.68 4.21 -25.29
C PRO A 85 15.50 2.93 -24.47
N GLU A 86 16.48 2.04 -24.52
CA GLU A 86 16.41 0.77 -23.80
C GLU A 86 16.45 0.91 -22.28
N ASP A 87 16.69 2.12 -21.78
CA ASP A 87 16.73 2.32 -20.34
C ASP A 87 15.32 2.56 -19.83
N GLU A 88 14.38 2.73 -20.75
CA GLU A 88 13.00 2.97 -20.35
C GLU A 88 12.48 1.73 -19.66
N ALA A 89 12.18 1.87 -18.38
CA ALA A 89 11.69 0.75 -17.59
C ALA A 89 11.25 1.20 -16.22
N ILE A 90 10.83 0.23 -15.42
CA ILE A 90 10.44 0.51 -14.04
C ILE A 90 11.65 0.03 -13.24
N TYR A 91 12.16 0.89 -12.36
CA TYR A 91 13.30 0.53 -11.52
C TYR A 91 12.77 0.35 -10.12
N ILE A 92 13.04 -0.82 -9.55
CA ILE A 92 12.60 -1.15 -8.22
C ILE A 92 13.77 -1.54 -7.34
N CYS A 93 13.76 -1.08 -6.09
CA CYS A 93 14.80 -1.46 -5.17
C CYS A 93 14.22 -2.46 -4.19
N GLY A 94 15.09 -3.27 -3.61
CA GLY A 94 14.67 -4.26 -2.64
C GLY A 94 15.75 -4.39 -1.57
N VAL A 95 15.38 -4.96 -0.44
CA VAL A 95 16.32 -5.13 0.64
C VAL A 95 15.97 -6.36 1.44
N GLY A 96 16.96 -7.23 1.64
CA GLY A 96 16.73 -8.44 2.39
C GLY A 96 17.33 -8.42 3.78
N ASP A 97 16.76 -9.19 4.68
CA ASP A 97 17.24 -9.27 6.05
C ASP A 97 17.00 -10.71 6.52
N THR A 98 18.01 -11.55 6.36
CA THR A 98 17.92 -12.94 6.75
C THR A 98 18.01 -13.16 8.26
N ILE A 99 17.02 -12.65 8.98
CA ILE A 99 16.98 -12.81 10.42
C ILE A 99 16.48 -14.22 10.71
N LYS A 100 17.34 -15.05 11.28
CA LYS A 100 17.03 -16.44 11.59
C LYS A 100 15.61 -16.69 12.09
N GLU A 101 15.17 -15.88 13.05
CA GLU A 101 13.83 -16.05 13.59
C GLU A 101 12.78 -15.91 12.49
N GLN A 102 13.05 -15.04 11.51
CA GLN A 102 12.11 -14.80 10.42
C GLN A 102 12.69 -13.94 9.30
N PHE A 103 12.77 -14.51 8.10
CA PHE A 103 13.27 -13.79 6.94
C PHE A 103 12.37 -12.64 6.51
N VAL A 104 13.00 -11.60 5.97
CA VAL A 104 12.24 -10.45 5.50
C VAL A 104 12.83 -9.95 4.19
N TYR A 105 11.98 -9.44 3.33
CA TYR A 105 12.44 -8.86 2.08
C TYR A 105 11.38 -7.89 1.63
N VAL A 106 11.76 -6.64 1.47
CA VAL A 106 10.85 -5.59 1.07
C VAL A 106 11.28 -4.99 -0.26
N PHE A 107 10.30 -4.59 -1.07
CA PHE A 107 10.58 -3.96 -2.34
C PHE A 107 9.97 -2.57 -2.23
N GLY A 108 10.50 -1.62 -2.98
CA GLY A 108 9.94 -0.28 -2.97
C GLY A 108 8.78 -0.35 -3.94
N GLY A 109 8.07 0.77 -4.13
CA GLY A 109 6.95 0.80 -5.05
C GLY A 109 7.35 1.05 -6.49
N GLY A 110 8.66 1.08 -6.76
CA GLY A 110 9.14 1.30 -8.10
C GLY A 110 9.09 2.72 -8.63
N THR A 111 10.03 3.03 -9.53
CA THR A 111 10.12 4.34 -10.15
C THR A 111 10.06 4.13 -11.66
N LYS A 112 9.01 4.62 -12.30
CA LYS A 112 8.88 4.47 -13.75
C LYS A 112 9.69 5.51 -14.49
N VAL A 113 10.67 5.05 -15.27
CA VAL A 113 11.53 5.95 -16.03
C VAL A 113 11.19 5.96 -17.53
N THR A 114 10.76 7.12 -18.01
CA THR A 114 10.40 7.31 -19.41
C THR A 114 11.55 8.01 -20.14
N VAL A 115 11.64 7.81 -21.45
CA VAL A 115 12.71 8.43 -22.23
C VAL A 115 12.24 8.93 -23.60
N GLN B 1 24.30 -21.20 -19.22
CA GLN B 1 23.30 -20.11 -19.03
C GLN B 1 22.14 -20.56 -18.14
N VAL B 2 21.93 -19.84 -17.04
CA VAL B 2 20.87 -20.15 -16.10
C VAL B 2 19.48 -19.89 -16.63
N GLN B 3 18.61 -20.88 -16.56
CA GLN B 3 17.24 -20.72 -16.99
C GLN B 3 16.21 -21.33 -16.04
N LEU B 4 15.14 -20.58 -15.85
CA LEU B 4 14.05 -20.97 -14.97
C LEU B 4 12.75 -20.73 -15.72
N GLN B 5 11.92 -21.76 -15.79
CA GLN B 5 10.64 -21.64 -16.49
C GLN B 5 9.49 -22.14 -15.63
N GLU B 6 8.57 -21.23 -15.29
CA GLU B 6 7.41 -21.54 -14.47
C GLU B 6 6.22 -22.04 -15.29
N SER B 7 5.29 -22.68 -14.61
CA SER B 7 4.06 -23.14 -15.24
C SER B 7 3.09 -23.53 -14.13
N GLY B 8 1.81 -23.66 -14.50
CA GLY B 8 0.81 -24.05 -13.53
C GLY B 8 -0.25 -23.00 -13.24
N GLY B 9 -0.01 -21.75 -13.65
CA GLY B 9 -0.98 -20.71 -13.41
C GLY B 9 -2.28 -20.94 -14.16
N GLY B 10 -3.29 -20.13 -13.86
CA GLY B 10 -4.57 -20.29 -14.52
C GLY B 10 -5.65 -19.60 -13.69
N LEU B 11 -6.91 -19.77 -14.08
CA LEU B 11 -8.00 -19.13 -13.35
C LEU B 11 -8.51 -20.03 -12.21
N VAL B 12 -8.62 -19.45 -11.00
CA VAL B 12 -9.08 -20.17 -9.82
C VAL B 12 -9.98 -19.26 -9.00
N GLN B 13 -10.62 -19.81 -7.96
CA GLN B 13 -11.52 -19.02 -7.12
C GLN B 13 -11.00 -18.94 -5.71
N PRO B 14 -11.49 -17.97 -4.93
CA PRO B 14 -11.02 -17.85 -3.56
C PRO B 14 -11.31 -19.17 -2.83
N GLY B 15 -10.40 -19.60 -1.96
CA GLY B 15 -10.61 -20.83 -1.23
C GLY B 15 -10.10 -22.07 -1.95
N GLY B 16 -9.77 -21.92 -3.23
CA GLY B 16 -9.26 -23.04 -3.99
C GLY B 16 -7.77 -23.19 -3.80
N SER B 17 -7.17 -24.05 -4.60
CA SER B 17 -5.74 -24.26 -4.53
C SER B 17 -5.19 -24.71 -5.87
N LEU B 18 -3.89 -24.53 -6.04
CA LEU B 18 -3.21 -24.96 -7.25
C LEU B 18 -1.73 -25.03 -6.89
N LYS B 19 -0.97 -25.75 -7.71
CA LYS B 19 0.44 -25.92 -7.45
C LYS B 19 1.25 -25.45 -8.66
N LEU B 20 2.23 -24.59 -8.42
CA LEU B 20 3.08 -24.08 -9.49
C LEU B 20 4.40 -24.86 -9.57
N SER B 21 5.02 -24.87 -10.75
CA SER B 21 6.29 -25.56 -10.95
C SER B 21 7.29 -24.66 -11.66
N CYS B 22 8.57 -24.90 -11.39
CA CYS B 22 9.65 -24.15 -12.00
C CYS B 22 10.73 -25.14 -12.41
N ALA B 23 10.91 -25.31 -13.71
CA ALA B 23 11.94 -26.23 -14.22
C ALA B 23 13.22 -25.42 -14.31
N ALA B 24 14.26 -25.85 -13.62
CA ALA B 24 15.53 -25.14 -13.63
C ALA B 24 16.64 -25.84 -14.41
N SER B 25 17.53 -25.07 -15.01
CA SER B 25 18.65 -25.62 -15.77
C SER B 25 19.74 -24.57 -15.99
N GLY B 26 20.92 -25.04 -16.42
CA GLY B 26 22.02 -24.14 -16.68
C GLY B 26 22.87 -23.94 -15.43
N PHE B 27 22.60 -24.74 -14.41
CA PHE B 27 23.34 -24.66 -13.16
C PHE B 27 23.03 -25.85 -12.27
N THR B 28 23.82 -26.04 -11.21
CA THR B 28 23.61 -27.16 -10.29
C THR B 28 22.53 -26.83 -9.27
N PHE B 29 21.29 -27.14 -9.62
CA PHE B 29 20.12 -26.89 -8.78
C PHE B 29 20.25 -27.18 -7.29
N ARG B 30 20.81 -28.33 -6.93
CA ARG B 30 20.93 -28.68 -5.51
C ARG B 30 21.87 -27.81 -4.66
N ASP B 31 22.61 -26.90 -5.30
CA ASP B 31 23.52 -26.04 -4.55
C ASP B 31 22.97 -24.67 -4.20
N TYR B 32 21.89 -24.25 -4.84
CA TYR B 32 21.37 -22.92 -4.56
C TYR B 32 20.04 -22.79 -3.83
N TYR B 33 19.91 -21.65 -3.15
CA TYR B 33 18.69 -21.32 -2.45
C TYR B 33 17.75 -20.91 -3.57
N MET B 34 16.47 -21.23 -3.42
CA MET B 34 15.46 -20.87 -4.42
C MET B 34 14.38 -20.00 -3.78
N TYR B 35 13.65 -19.26 -4.60
CA TYR B 35 12.61 -18.35 -4.11
C TYR B 35 11.45 -18.20 -5.07
N TRP B 36 10.34 -17.69 -4.55
CA TRP B 36 9.18 -17.38 -5.36
C TRP B 36 8.94 -15.92 -5.04
N VAL B 37 8.68 -15.12 -6.06
CA VAL B 37 8.39 -13.70 -5.89
C VAL B 37 7.22 -13.47 -6.80
N ARG B 38 6.30 -12.60 -6.39
CA ARG B 38 5.15 -12.33 -7.23
C ARG B 38 4.99 -10.84 -7.52
N GLN B 39 4.22 -10.54 -8.56
CA GLN B 39 3.97 -9.16 -8.94
C GLN B 39 2.46 -8.98 -9.12
N THR B 40 1.87 -8.14 -8.28
CA THR B 40 0.44 -7.88 -8.31
C THR B 40 0.04 -7.13 -9.58
N PRO B 41 -1.27 -7.04 -9.86
CA PRO B 41 -1.74 -6.32 -11.05
C PRO B 41 -1.29 -4.86 -10.98
N GLU B 42 -1.13 -4.35 -9.76
CA GLU B 42 -0.69 -2.98 -9.54
C GLU B 42 0.80 -2.83 -9.83
N LYS B 43 1.46 -3.95 -10.12
CA LYS B 43 2.88 -4.00 -10.47
C LYS B 43 3.84 -3.92 -9.31
N ARG B 44 3.32 -4.19 -8.12
CA ARG B 44 4.16 -4.17 -6.93
C ARG B 44 4.82 -5.54 -6.78
N LEU B 45 6.13 -5.58 -6.54
CA LEU B 45 6.83 -6.85 -6.33
C LEU B 45 6.70 -7.31 -4.88
N GLU B 46 6.62 -8.61 -4.67
CA GLU B 46 6.46 -9.14 -3.32
C GLU B 46 7.03 -10.54 -3.13
N TRP B 47 8.02 -10.64 -2.25
CA TRP B 47 8.65 -11.91 -1.96
C TRP B 47 7.63 -12.80 -1.28
N VAL B 48 7.57 -14.08 -1.64
CA VAL B 48 6.59 -14.96 -1.02
C VAL B 48 7.11 -16.25 -0.43
N ALA B 49 8.31 -16.66 -0.82
CA ALA B 49 8.84 -17.90 -0.29
C ALA B 49 10.33 -18.12 -0.49
N PHE B 50 10.93 -18.83 0.47
CA PHE B 50 12.35 -19.18 0.42
C PHE B 50 12.53 -20.65 0.82
N ILE B 51 13.42 -21.34 0.14
CA ILE B 51 13.73 -22.72 0.50
C ILE B 51 15.22 -22.87 0.29
N SER B 52 15.89 -23.47 1.27
CA SER B 52 17.34 -23.68 1.20
C SER B 52 17.66 -24.69 0.10
N ASN B 53 18.94 -24.84 -0.20
CA ASN B 53 19.40 -25.75 -1.26
C ASN B 53 18.96 -27.20 -1.14
N GLY B 54 18.95 -27.74 0.07
CA GLY B 54 18.54 -29.13 0.23
C GLY B 54 17.12 -29.29 0.73
N GLY B 55 16.37 -28.19 0.78
CA GLY B 55 15.00 -28.24 1.26
C GLY B 55 14.91 -28.22 2.78
N GLY B 56 16.04 -28.06 3.45
CA GLY B 56 16.03 -28.04 4.91
C GLY B 56 15.24 -26.91 5.57
N SER B 57 15.30 -25.72 5.01
CA SER B 57 14.60 -24.57 5.60
C SER B 57 13.69 -23.83 4.64
N THR B 58 12.62 -23.27 5.19
CA THR B 58 11.67 -22.50 4.39
C THR B 58 11.22 -21.30 5.21
N TYR B 59 10.93 -20.20 4.54
CA TYR B 59 10.45 -18.97 5.20
C TYR B 59 9.40 -18.35 4.30
N TYR B 60 8.45 -17.66 4.92
CA TYR B 60 7.37 -17.02 4.21
C TYR B 60 7.00 -15.72 4.90
N PRO B 61 6.50 -14.75 4.13
CA PRO B 61 6.11 -13.50 4.78
C PRO B 61 4.74 -13.81 5.39
N ASP B 62 4.25 -12.99 6.30
CA ASP B 62 2.95 -13.26 6.93
C ASP B 62 1.75 -13.36 6.00
N THR B 63 1.79 -12.68 4.86
CA THR B 63 0.68 -12.73 3.92
C THR B 63 0.34 -14.11 3.36
N VAL B 64 1.31 -15.02 3.34
CA VAL B 64 1.06 -16.36 2.81
C VAL B 64 1.45 -17.48 3.75
N LYS B 65 2.17 -17.15 4.82
CA LYS B 65 2.56 -18.18 5.77
C LYS B 65 1.29 -18.89 6.22
N GLY B 66 1.31 -20.21 6.19
CA GLY B 66 0.12 -20.94 6.62
C GLY B 66 -0.77 -21.34 5.46
N ARG B 67 -0.58 -20.70 4.31
CA ARG B 67 -1.38 -21.03 3.14
C ARG B 67 -0.55 -21.58 1.97
N PHE B 68 0.64 -21.02 1.77
CA PHE B 68 1.53 -21.45 0.70
C PHE B 68 2.58 -22.43 1.22
N THR B 69 3.10 -23.28 0.35
CA THR B 69 4.15 -24.21 0.75
C THR B 69 5.16 -24.36 -0.38
N ILE B 70 6.39 -23.96 -0.12
CA ILE B 70 7.43 -24.07 -1.12
C ILE B 70 8.14 -25.40 -0.89
N SER B 71 8.48 -26.09 -1.97
CA SER B 71 9.17 -27.37 -1.87
C SER B 71 10.03 -27.55 -3.10
N ARG B 72 10.87 -28.59 -3.12
CA ARG B 72 11.71 -28.82 -4.26
C ARG B 72 12.06 -30.28 -4.40
N ASP B 73 12.35 -30.68 -5.63
CA ASP B 73 12.72 -32.05 -5.91
C ASP B 73 14.04 -31.90 -6.68
N ASN B 74 15.14 -32.02 -5.96
CA ASN B 74 16.46 -31.86 -6.54
C ASN B 74 16.83 -32.83 -7.63
N ALA B 75 16.26 -34.04 -7.60
CA ALA B 75 16.55 -35.02 -8.64
C ALA B 75 15.88 -34.56 -9.93
N LYS B 76 14.76 -33.85 -9.81
CA LYS B 76 14.04 -33.39 -10.99
C LYS B 76 14.34 -31.94 -11.36
N ASN B 77 15.27 -31.32 -10.64
CA ASN B 77 15.59 -29.94 -10.93
C ASN B 77 14.31 -29.12 -10.99
N THR B 78 13.43 -29.33 -10.04
CA THR B 78 12.17 -28.60 -10.04
C THR B 78 11.77 -28.02 -8.70
N LEU B 79 11.34 -26.77 -8.73
CA LEU B 79 10.90 -26.04 -7.55
C LEU B 79 9.38 -25.99 -7.65
N TYR B 80 8.70 -26.00 -6.50
CA TYR B 80 7.24 -25.96 -6.48
C TYR B 80 6.72 -24.94 -5.48
N LEU B 81 5.46 -24.57 -5.68
CA LEU B 81 4.78 -23.64 -4.78
C LEU B 81 3.33 -24.10 -4.68
N GLN B 82 2.99 -24.75 -3.58
CA GLN B 82 1.61 -25.19 -3.36
C GLN B 82 0.86 -24.00 -2.76
N MET B 83 -0.19 -23.56 -3.44
CA MET B 83 -1.00 -22.44 -3.01
C MET B 83 -2.37 -22.92 -2.53
N SER B 84 -2.64 -22.80 -1.25
CA SER B 84 -3.91 -23.25 -0.69
C SER B 84 -4.74 -22.08 -0.16
N ARG B 85 -6.02 -22.32 0.08
CA ARG B 85 -6.92 -21.29 0.58
C ARG B 85 -6.67 -19.97 -0.13
N LEU B 86 -6.75 -19.99 -1.45
CA LEU B 86 -6.50 -18.80 -2.24
C LEU B 86 -7.36 -17.60 -1.88
N LYS B 87 -6.76 -16.42 -2.02
CA LYS B 87 -7.40 -15.15 -1.74
C LYS B 87 -7.29 -14.27 -2.98
N SER B 88 -8.21 -13.32 -3.12
CA SER B 88 -8.21 -12.37 -4.24
C SER B 88 -6.84 -11.73 -4.36
N GLU B 89 -6.21 -11.49 -3.21
CA GLU B 89 -4.90 -10.86 -3.16
C GLU B 89 -3.76 -11.74 -3.68
N ASP B 90 -4.07 -13.01 -3.96
CA ASP B 90 -3.05 -13.91 -4.48
C ASP B 90 -2.92 -13.73 -6.00
N THR B 91 -3.84 -12.98 -6.60
CA THR B 91 -3.80 -12.73 -8.05
C THR B 91 -2.51 -12.00 -8.40
N ALA B 92 -1.69 -12.62 -9.24
CA ALA B 92 -0.42 -12.00 -9.60
C ALA B 92 0.41 -12.87 -10.52
N MET B 93 1.45 -12.26 -11.07
CA MET B 93 2.39 -12.98 -11.93
C MET B 93 3.37 -13.57 -10.91
N TYR B 94 3.59 -14.89 -10.98
CA TYR B 94 4.51 -15.55 -10.05
C TYR B 94 5.85 -15.89 -10.67
N TYR B 95 6.91 -15.42 -10.03
CA TYR B 95 8.26 -15.68 -10.50
C TYR B 95 9.04 -16.57 -9.57
N CYS B 96 9.83 -17.41 -10.21
CA CYS B 96 10.72 -18.33 -9.59
C CYS B 96 12.08 -17.60 -9.66
N ALA B 97 12.87 -17.67 -8.61
CA ALA B 97 14.17 -16.98 -8.64
C ALA B 97 15.27 -17.72 -7.91
N ARG B 98 16.50 -17.51 -8.40
CA ARG B 98 17.69 -18.12 -7.82
C ARG B 98 18.62 -16.97 -7.47
N GLY B 99 19.46 -17.18 -6.47
CA GLY B 99 20.38 -16.13 -6.05
C GLY B 99 21.80 -16.25 -6.52
N ARG B 100 22.64 -15.31 -6.07
CA ARG B 100 24.05 -15.29 -6.40
C ARG B 100 24.77 -14.38 -5.41
N GLY B 101 25.81 -14.93 -4.78
CA GLY B 101 26.55 -14.16 -3.80
C GLY B 101 25.63 -13.95 -2.62
N TYR B 102 25.37 -12.70 -2.29
CA TYR B 102 24.49 -12.38 -1.19
C TYR B 102 23.16 -11.86 -1.72
N VAL B 103 23.07 -11.74 -3.04
CA VAL B 103 21.86 -11.25 -3.70
C VAL B 103 20.84 -12.38 -3.86
N TRP B 104 19.66 -12.17 -3.27
CA TRP B 104 18.58 -13.16 -3.30
C TRP B 104 18.04 -13.46 -4.70
N PHE B 105 17.71 -12.42 -5.44
CA PHE B 105 17.11 -12.56 -6.75
C PHE B 105 18.02 -12.17 -7.90
N ALA B 106 19.00 -13.03 -8.16
CA ALA B 106 19.96 -12.81 -9.22
C ALA B 106 19.38 -13.20 -10.57
N TYR B 107 18.64 -14.32 -10.59
CA TYR B 107 18.03 -14.82 -11.81
C TYR B 107 16.52 -15.04 -11.64
N TRP B 108 15.74 -14.65 -12.64
CA TRP B 108 14.29 -14.77 -12.61
C TRP B 108 13.81 -15.60 -13.80
N GLY B 109 12.64 -16.20 -13.66
CA GLY B 109 12.07 -16.99 -14.74
C GLY B 109 11.16 -16.06 -15.52
N GLN B 110 10.33 -16.61 -16.41
CA GLN B 110 9.43 -15.79 -17.21
C GLN B 110 8.12 -15.47 -16.51
N GLY B 111 7.79 -16.27 -15.51
CA GLY B 111 6.57 -16.06 -14.76
C GLY B 111 5.35 -16.81 -15.27
N THR B 112 4.39 -17.01 -14.37
CA THR B 112 3.14 -17.66 -14.72
C THR B 112 2.09 -16.93 -13.91
N THR B 113 0.99 -16.56 -14.54
CA THR B 113 -0.06 -15.82 -13.86
C THR B 113 -1.10 -16.68 -13.18
N VAL B 114 -1.45 -16.29 -11.96
CA VAL B 114 -2.46 -16.97 -11.18
C VAL B 114 -3.58 -15.94 -11.00
N THR B 115 -4.78 -16.24 -11.46
CA THR B 115 -5.88 -15.29 -11.35
C THR B 115 -6.97 -15.79 -10.43
N VAL B 116 -7.18 -15.09 -9.32
CA VAL B 116 -8.23 -15.50 -8.41
C VAL B 116 -9.47 -14.63 -8.64
N SER B 117 -10.53 -15.29 -9.11
CA SER B 117 -11.79 -14.65 -9.46
C SER B 117 -12.67 -14.23 -8.29
N SER B 118 -13.96 -14.30 -8.54
CA SER B 118 -15.02 -13.97 -7.58
C SER B 118 -14.76 -12.68 -6.84
N MET C 1 -5.99 18.69 25.80
CA MET C 1 -6.89 19.36 24.82
C MET C 1 -7.35 18.37 23.74
N GLN C 2 -8.54 18.62 23.20
CA GLN C 2 -9.12 17.76 22.17
C GLN C 2 -8.34 17.80 20.88
N LEU C 3 -8.37 16.68 20.16
CA LEU C 3 -7.71 16.62 18.87
C LEU C 3 -8.68 17.31 17.94
N VAL C 4 -8.25 18.41 17.35
CA VAL C 4 -9.10 19.16 16.43
C VAL C 4 -8.29 19.60 15.22
N LEU C 5 -8.96 19.67 14.09
CA LEU C 5 -8.31 20.07 12.84
C LEU C 5 -8.97 21.35 12.32
N THR C 6 -8.13 22.30 11.92
CA THR C 6 -8.59 23.57 11.40
C THR C 6 -8.01 23.74 10.00
N GLN C 7 -8.86 24.08 9.03
CA GLN C 7 -8.39 24.24 7.65
C GLN C 7 -8.48 25.66 7.11
N SER C 8 -7.71 25.91 6.04
CA SER C 8 -7.68 27.22 5.40
C SER C 8 -9.02 27.59 4.74
N SER C 9 -9.22 28.87 4.49
CA SER C 9 -10.46 29.38 3.90
C SER C 9 -10.64 28.94 2.45
N SER C 10 -11.90 28.80 2.04
CA SER C 10 -12.22 28.39 0.68
C SER C 10 -11.81 29.50 -0.29
N ALA C 11 -10.98 29.15 -1.27
CA ALA C 11 -10.51 30.13 -2.24
C ALA C 11 -10.62 29.62 -3.67
N SER C 12 -10.80 30.54 -4.61
CA SER C 12 -10.91 30.19 -6.04
C SER C 12 -9.53 30.28 -6.67
N PHE C 13 -9.29 29.47 -7.69
CA PHE C 13 -7.99 29.47 -8.37
C PHE C 13 -8.09 29.46 -9.88
N SER C 14 -7.02 29.95 -10.52
CA SER C 14 -6.94 30.01 -11.98
C SER C 14 -6.22 28.77 -12.49
N LEU C 15 -6.64 28.27 -13.65
CA LEU C 15 -6.01 27.08 -14.22
C LEU C 15 -4.51 27.34 -14.39
N GLY C 16 -3.72 26.29 -14.26
CA GLY C 16 -2.29 26.42 -14.39
C GLY C 16 -1.67 26.93 -13.11
N ALA C 17 -2.40 27.76 -12.38
CA ALA C 17 -1.91 28.32 -11.12
C ALA C 17 -1.56 27.24 -10.11
N SER C 18 -1.01 27.65 -8.97
CA SER C 18 -0.62 26.73 -7.91
C SER C 18 -1.29 27.09 -6.59
N ALA C 19 -1.69 26.07 -5.83
CA ALA C 19 -2.36 26.29 -4.57
C ALA C 19 -1.62 25.62 -3.41
N LYS C 20 -1.99 26.00 -2.19
CA LYS C 20 -1.37 25.43 -1.00
C LYS C 20 -2.31 25.55 0.20
N LEU C 21 -3.14 24.52 0.40
CA LEU C 21 -4.10 24.48 1.50
C LEU C 21 -3.42 24.05 2.80
N THR C 22 -3.95 24.51 3.92
CA THR C 22 -3.37 24.19 5.23
C THR C 22 -4.33 23.49 6.19
N CYS C 23 -3.77 22.58 6.98
CA CYS C 23 -4.51 21.82 7.98
C CYS C 23 -3.69 21.92 9.27
N THR C 24 -4.23 22.64 10.26
CA THR C 24 -3.51 22.81 11.51
C THR C 24 -3.99 21.89 12.63
N LEU C 25 -3.06 21.11 13.16
CA LEU C 25 -3.32 20.18 14.24
C LEU C 25 -3.29 20.92 15.57
N SER C 26 -4.18 20.57 16.48
CA SER C 26 -4.19 21.21 17.78
C SER C 26 -2.78 21.07 18.34
N SER C 27 -2.33 22.09 19.06
CA SER C 27 -0.98 22.11 19.64
C SER C 27 -0.53 20.79 20.28
N GLN C 28 -1.39 20.22 21.12
CA GLN C 28 -1.08 18.99 21.83
C GLN C 28 -0.83 17.76 20.95
N HIS C 29 -1.14 17.85 19.66
CA HIS C 29 -0.95 16.71 18.77
C HIS C 29 -0.20 17.09 17.50
N SER C 30 0.62 18.13 17.60
CA SER C 30 1.40 18.62 16.46
C SER C 30 2.34 17.60 15.84
N THR C 31 2.47 16.42 16.44
CA THR C 31 3.36 15.39 15.93
C THR C 31 2.63 14.29 15.14
N TYR C 32 1.30 14.36 15.15
CA TYR C 32 0.45 13.38 14.47
C TYR C 32 0.56 13.34 12.94
N THR C 33 0.19 12.19 12.39
CA THR C 33 0.20 11.97 10.95
C THR C 33 -1.25 12.13 10.48
N ILE C 34 -1.46 12.83 9.38
CA ILE C 34 -2.83 13.03 8.88
C ILE C 34 -3.03 12.52 7.46
N GLU C 35 -4.29 12.48 7.04
CA GLU C 35 -4.64 12.05 5.69
C GLU C 35 -5.38 13.18 4.99
N TRP C 36 -5.24 13.25 3.67
CA TRP C 36 -5.90 14.26 2.88
C TRP C 36 -6.95 13.59 1.99
N TYR C 37 -8.13 14.20 1.89
CA TYR C 37 -9.20 13.65 1.07
C TYR C 37 -9.76 14.65 0.06
N GLN C 38 -10.10 14.14 -1.11
CA GLN C 38 -10.66 14.95 -2.20
C GLN C 38 -12.07 14.48 -2.57
N GLN C 39 -13.03 15.39 -2.53
CA GLN C 39 -14.40 15.05 -2.91
C GLN C 39 -14.94 15.96 -4.01
N GLN C 40 -15.21 15.38 -5.17
CA GLN C 40 -15.75 16.13 -6.30
C GLN C 40 -17.28 16.02 -6.23
N PRO C 41 -17.99 16.94 -6.89
CA PRO C 41 -19.47 16.91 -6.87
C PRO C 41 -20.07 15.53 -7.12
N LEU C 42 -21.05 15.18 -6.28
CA LEU C 42 -21.76 13.91 -6.38
C LEU C 42 -20.87 12.68 -6.35
N LYS C 43 -19.64 12.82 -5.87
CA LYS C 43 -18.72 11.70 -5.77
C LYS C 43 -18.29 11.43 -4.33
N PRO C 44 -17.82 10.21 -4.05
CA PRO C 44 -17.36 9.84 -2.71
C PRO C 44 -16.00 10.45 -2.39
N PRO C 45 -15.72 10.68 -1.11
CA PRO C 45 -14.43 11.26 -0.73
C PRO C 45 -13.31 10.32 -1.22
N LYS C 46 -12.21 10.90 -1.68
CA LYS C 46 -11.09 10.10 -2.17
C LYS C 46 -9.81 10.31 -1.37
N TYR C 47 -9.12 9.21 -1.11
CA TYR C 47 -7.87 9.25 -0.36
C TYR C 47 -6.77 9.82 -1.23
N VAL C 48 -6.25 10.98 -0.81
CA VAL C 48 -5.18 11.67 -1.54
C VAL C 48 -3.80 11.27 -1.04
N MET C 49 -3.59 11.32 0.27
CA MET C 49 -2.29 10.97 0.82
C MET C 49 -2.21 10.94 2.34
N GLU C 50 -1.11 10.39 2.84
CA GLU C 50 -0.82 10.31 4.26
C GLU C 50 0.39 11.20 4.51
N LEU C 51 0.19 12.27 5.28
CA LEU C 51 1.26 13.22 5.57
C LEU C 51 1.75 13.12 7.00
N LYS C 52 3.06 12.86 7.16
CA LYS C 52 3.68 12.74 8.48
C LYS C 52 4.21 14.09 8.96
N LYS C 53 4.54 14.18 10.24
CA LYS C 53 5.05 15.43 10.80
C LYS C 53 6.37 15.87 10.17
N ASP C 54 7.13 14.91 9.65
CA ASP C 54 8.41 15.23 9.03
C ASP C 54 8.21 15.71 7.59
N GLY C 55 6.99 15.63 7.11
CA GLY C 55 6.70 16.10 5.76
C GLY C 55 6.71 15.02 4.68
N SER C 56 7.16 13.81 5.03
CA SER C 56 7.18 12.72 4.05
C SER C 56 5.76 12.23 3.81
N HIS C 57 5.50 11.67 2.62
CA HIS C 57 4.15 11.22 2.31
C HIS C 57 4.03 10.14 1.24
N SER C 58 2.99 9.34 1.40
CA SER C 58 2.68 8.26 0.46
C SER C 58 1.31 8.62 -0.11
N THR C 59 1.23 8.75 -1.44
CA THR C 59 -0.03 9.10 -2.07
C THR C 59 -0.83 7.88 -2.48
N GLY C 60 -2.10 8.10 -2.81
CA GLY C 60 -2.96 7.01 -3.21
C GLY C 60 -3.00 6.79 -4.71
N ASP C 61 -3.75 5.78 -5.12
CA ASP C 61 -3.88 5.44 -6.53
C ASP C 61 -4.60 6.56 -7.29
N GLY C 62 -4.26 6.71 -8.57
CA GLY C 62 -4.87 7.73 -9.39
C GLY C 62 -4.60 9.17 -9.01
N ILE C 63 -3.62 9.39 -8.16
CA ILE C 63 -3.27 10.76 -7.74
C ILE C 63 -2.15 11.32 -8.60
N PRO C 64 -2.36 12.50 -9.21
CA PRO C 64 -1.34 13.12 -10.04
C PRO C 64 -0.13 13.49 -9.19
N ASP C 65 1.04 13.56 -9.82
CA ASP C 65 2.27 13.88 -9.11
C ASP C 65 2.38 15.37 -8.81
N ARG C 66 1.52 16.16 -9.44
CA ARG C 66 1.51 17.60 -9.20
C ARG C 66 0.81 17.87 -7.87
N PHE C 67 0.58 16.78 -7.14
CA PHE C 67 -0.03 16.82 -5.81
C PHE C 67 1.10 16.42 -4.85
N SER C 68 1.25 17.15 -3.75
CA SER C 68 2.29 16.84 -2.77
C SER C 68 2.00 17.42 -1.39
N GLY C 69 2.69 16.89 -0.39
CA GLY C 69 2.51 17.36 0.97
C GLY C 69 3.80 17.77 1.65
N SER C 70 3.64 18.53 2.73
CA SER C 70 4.77 19.02 3.51
C SER C 70 4.25 19.48 4.87
N SER C 71 5.14 19.57 5.85
CA SER C 71 4.74 19.99 7.18
C SER C 71 5.66 21.04 7.80
N SER C 72 5.13 21.75 8.80
CA SER C 72 5.87 22.79 9.50
C SER C 72 5.20 23.01 10.85
N GLY C 73 5.66 22.26 11.85
CA GLY C 73 5.10 22.38 13.18
C GLY C 73 3.78 21.66 13.27
N ALA C 74 2.72 22.39 13.58
CA ALA C 74 1.39 21.79 13.70
C ALA C 74 0.68 21.86 12.36
N ASP C 75 1.32 22.51 11.39
CA ASP C 75 0.73 22.65 10.07
C ASP C 75 1.05 21.49 9.14
N ARG C 76 0.09 21.20 8.26
CA ARG C 76 0.20 20.13 7.27
C ARG C 76 -0.27 20.77 5.98
N TYR C 77 0.59 20.81 4.96
CA TYR C 77 0.21 21.44 3.71
C TYR C 77 0.03 20.51 2.52
N LEU C 78 -0.97 20.83 1.71
CA LEU C 78 -1.26 20.08 0.51
C LEU C 78 -1.04 21.06 -0.64
N SER C 79 0.01 20.83 -1.41
CA SER C 79 0.34 21.72 -2.52
C SER C 79 -0.03 21.14 -3.87
N ILE C 80 -0.73 21.94 -4.67
CA ILE C 80 -1.14 21.54 -6.01
C ILE C 80 -0.49 22.47 -7.03
N SER C 81 0.22 21.90 -7.99
CA SER C 81 0.87 22.70 -9.04
C SER C 81 0.11 22.49 -10.35
N ASN C 82 -0.02 23.57 -11.11
CA ASN C 82 -0.71 23.52 -12.39
C ASN C 82 -2.15 23.02 -12.21
N ILE C 83 -2.90 23.72 -11.38
CA ILE C 83 -4.30 23.36 -11.11
C ILE C 83 -5.04 23.00 -12.39
N GLN C 84 -5.99 22.06 -12.29
CA GLN C 84 -6.78 21.61 -13.44
C GLN C 84 -8.28 21.69 -13.19
N PRO C 85 -9.07 21.60 -14.28
CA PRO C 85 -10.53 21.66 -14.18
C PRO C 85 -11.08 20.58 -13.24
N GLU C 86 -10.37 19.45 -13.17
CA GLU C 86 -10.79 18.32 -12.34
C GLU C 86 -10.34 18.47 -10.90
N ASP C 87 -9.48 19.44 -10.64
CA ASP C 87 -8.99 19.65 -9.28
C ASP C 87 -9.98 20.38 -8.42
N GLU C 88 -11.02 20.93 -9.04
CA GLU C 88 -12.02 21.62 -8.26
C GLU C 88 -12.72 20.56 -7.40
N ALA C 89 -12.77 20.80 -6.09
CA ALA C 89 -13.40 19.87 -5.17
C ALA C 89 -13.20 20.34 -3.73
N ILE C 90 -13.82 19.63 -2.80
CA ILE C 90 -13.67 19.96 -1.38
C ILE C 90 -12.55 19.09 -0.83
N TYR C 91 -11.61 19.71 -0.13
CA TYR C 91 -10.50 18.99 0.46
C TYR C 91 -10.62 18.96 1.98
N ILE C 92 -10.63 17.75 2.52
CA ILE C 92 -10.75 17.56 3.96
C ILE C 92 -9.58 16.75 4.49
N CYS C 93 -9.03 17.17 5.61
CA CYS C 93 -7.93 16.44 6.21
C CYS C 93 -8.47 15.67 7.41
N GLY C 94 -7.89 14.51 7.67
CA GLY C 94 -8.33 13.70 8.78
C GLY C 94 -7.17 13.17 9.58
N VAL C 95 -7.38 13.02 10.87
CA VAL C 95 -6.35 12.50 11.76
C VAL C 95 -6.96 11.39 12.61
N GLY C 96 -6.24 10.29 12.74
CA GLY C 96 -6.73 9.19 13.53
C GLY C 96 -5.92 8.98 14.79
N ASP C 97 -6.51 8.29 15.77
CA ASP C 97 -5.85 8.00 17.03
C ASP C 97 -6.52 6.75 17.58
N THR C 98 -5.83 5.61 17.47
CA THR C 98 -6.38 4.34 17.92
C THR C 98 -6.13 4.02 19.39
N ILE C 99 -6.60 4.89 20.28
CA ILE C 99 -6.44 4.68 21.72
C ILE C 99 -7.38 3.54 22.13
N LYS C 100 -6.80 2.37 22.41
CA LYS C 100 -7.58 1.19 22.78
C LYS C 100 -8.68 1.41 23.81
N GLU C 101 -8.59 2.53 24.51
CA GLU C 101 -9.58 2.88 25.51
C GLU C 101 -10.77 3.44 24.75
N GLN C 102 -10.47 4.31 23.79
CA GLN C 102 -11.49 4.94 22.99
C GLN C 102 -10.91 5.48 21.68
N PHE C 103 -11.28 4.85 20.57
CA PHE C 103 -10.83 5.27 19.25
C PHE C 103 -11.32 6.66 18.93
N VAL C 104 -10.53 7.38 18.15
CA VAL C 104 -10.90 8.73 17.77
C VAL C 104 -10.39 9.09 16.38
N TYR C 105 -11.25 9.73 15.61
CA TYR C 105 -10.89 10.19 14.28
C TYR C 105 -11.54 11.55 14.13
N VAL C 106 -10.84 12.50 13.53
CA VAL C 106 -11.36 13.85 13.38
C VAL C 106 -11.08 14.43 12.01
N PHE C 107 -12.12 15.01 11.39
CA PHE C 107 -11.96 15.64 10.08
C PHE C 107 -11.97 17.15 10.21
N GLY C 108 -11.30 17.82 9.29
CA GLY C 108 -11.28 19.28 9.31
C GLY C 108 -12.61 19.77 8.77
N GLY C 109 -12.82 21.08 8.79
CA GLY C 109 -14.07 21.62 8.29
C GLY C 109 -14.13 21.58 6.78
N GLY C 110 -13.04 21.16 6.15
CA GLY C 110 -12.98 21.08 4.71
C GLY C 110 -12.70 22.44 4.10
N THR C 111 -12.15 22.42 2.88
CA THR C 111 -11.82 23.65 2.15
C THR C 111 -12.19 23.48 0.67
N LYS C 112 -13.20 24.22 0.22
CA LYS C 112 -13.64 24.14 -1.17
C LYS C 112 -12.74 24.94 -2.11
N VAL C 113 -12.38 24.34 -3.23
CA VAL C 113 -11.49 24.97 -4.22
C VAL C 113 -12.18 25.05 -5.60
N THR C 114 -12.18 26.24 -6.19
CA THR C 114 -12.80 26.45 -7.49
C THR C 114 -11.79 26.55 -8.63
N VAL C 115 -12.16 26.02 -9.79
CA VAL C 115 -11.31 26.04 -10.98
C VAL C 115 -12.09 26.50 -12.20
N GLN D 1 -9.67 -4.88 -8.16
CA GLN D 1 -10.26 -3.58 -7.73
C GLN D 1 -11.15 -3.74 -6.50
N VAL D 2 -10.90 -2.90 -5.51
CA VAL D 2 -11.67 -2.91 -4.27
C VAL D 2 -13.02 -2.26 -4.55
N GLN D 3 -14.09 -2.99 -4.26
CA GLN D 3 -15.44 -2.52 -4.49
C GLN D 3 -16.31 -2.58 -3.22
N LEU D 4 -16.97 -1.46 -2.91
CA LEU D 4 -17.86 -1.35 -1.76
C LEU D 4 -19.16 -0.67 -2.19
N GLN D 5 -20.29 -1.30 -1.95
CA GLN D 5 -21.55 -0.70 -2.35
C GLN D 5 -22.58 -0.75 -1.22
N GLU D 6 -22.99 0.42 -0.75
CA GLU D 6 -23.97 0.48 0.33
C GLU D 6 -25.40 0.46 -0.18
N SER D 7 -26.32 0.17 0.71
CA SER D 7 -27.75 0.17 0.41
C SER D 7 -28.52 0.14 1.73
N GLY D 8 -29.84 0.36 1.65
CA GLY D 8 -30.67 0.35 2.84
C GLY D 8 -31.14 1.72 3.30
N GLY D 9 -30.55 2.77 2.75
CA GLY D 9 -30.94 4.12 3.12
C GLY D 9 -32.34 4.48 2.67
N GLY D 10 -32.89 5.55 3.23
CA GLY D 10 -34.24 5.97 2.86
C GLY D 10 -34.78 7.01 3.83
N LEU D 11 -36.08 7.25 3.77
CA LEU D 11 -36.70 8.24 4.65
C LEU D 11 -37.10 7.62 6.00
N VAL D 12 -36.82 8.32 7.09
CA VAL D 12 -37.17 7.84 8.44
C VAL D 12 -37.58 8.99 9.38
N GLN D 13 -38.28 8.65 10.45
CA GLN D 13 -38.74 9.65 11.41
C GLN D 13 -37.85 9.61 12.64
N PRO D 14 -37.79 10.71 13.40
CA PRO D 14 -36.97 10.72 14.61
C PRO D 14 -37.48 9.61 15.52
N GLY D 15 -36.57 8.96 16.24
CA GLY D 15 -36.97 7.89 17.13
C GLY D 15 -37.10 6.56 16.42
N GLY D 16 -37.04 6.58 15.09
CA GLY D 16 -37.15 5.35 14.33
C GLY D 16 -35.82 4.63 14.18
N SER D 17 -35.81 3.58 13.35
CA SER D 17 -34.59 2.81 13.13
C SER D 17 -34.54 2.13 11.77
N LEU D 18 -33.34 1.97 11.24
CA LEU D 18 -33.15 1.28 9.96
C LEU D 18 -31.81 0.59 9.99
N LYS D 19 -31.58 -0.31 9.05
CA LYS D 19 -30.31 -1.02 9.01
C LYS D 19 -29.67 -0.94 7.64
N LEU D 20 -28.47 -0.35 7.61
CA LEU D 20 -27.70 -0.20 6.38
C LEU D 20 -26.88 -1.43 6.03
N SER D 21 -26.58 -1.59 4.75
CA SER D 21 -25.77 -2.71 4.27
C SER D 21 -24.65 -2.25 3.34
N CYS D 22 -23.55 -3.00 3.33
CA CYS D 22 -22.42 -2.71 2.47
C CYS D 22 -21.85 -4.03 1.97
N ALA D 23 -21.97 -4.25 0.66
CA ALA D 23 -21.47 -5.45 0.04
C ALA D 23 -20.04 -5.19 -0.41
N ALA D 24 -19.14 -6.05 0.06
CA ALA D 24 -17.73 -5.91 -0.28
C ALA D 24 -17.33 -6.96 -1.31
N SER D 25 -16.33 -6.64 -2.12
CA SER D 25 -15.84 -7.57 -3.12
C SER D 25 -14.50 -7.06 -3.60
N GLY D 26 -13.65 -7.95 -4.10
CA GLY D 26 -12.36 -7.51 -4.59
C GLY D 26 -11.21 -7.61 -3.61
N PHE D 27 -11.49 -8.11 -2.41
CA PHE D 27 -10.45 -8.29 -1.40
C PHE D 27 -10.97 -9.29 -0.39
N THR D 28 -10.09 -9.73 0.51
CA THR D 28 -10.51 -10.70 1.52
C THR D 28 -11.09 -9.90 2.68
N PHE D 29 -12.41 -9.77 2.67
CA PHE D 29 -13.18 -9.04 3.67
C PHE D 29 -12.75 -9.32 5.12
N ARG D 30 -12.75 -10.59 5.51
CA ARG D 30 -12.40 -10.96 6.88
C ARG D 30 -10.98 -10.62 7.31
N ASP D 31 -10.14 -10.13 6.41
CA ASP D 31 -8.77 -9.77 6.78
C ASP D 31 -8.64 -8.30 7.14
N TYR D 32 -9.72 -7.54 6.99
CA TYR D 32 -9.63 -6.11 7.25
C TYR D 32 -10.58 -5.49 8.27
N TYR D 33 -10.13 -4.41 8.89
CA TYR D 33 -10.94 -3.64 9.81
C TYR D 33 -11.89 -2.91 8.86
N MET D 34 -13.14 -2.72 9.26
CA MET D 34 -14.13 -2.03 8.44
C MET D 34 -14.72 -0.83 9.18
N TYR D 35 -15.08 0.21 8.43
CA TYR D 35 -15.60 1.44 9.02
C TYR D 35 -16.87 1.96 8.35
N TRP D 36 -17.52 2.90 9.02
CA TRP D 36 -18.70 3.58 8.51
C TRP D 36 -18.41 5.05 8.77
N VAL D 37 -18.59 5.88 7.74
CA VAL D 37 -18.37 7.32 7.84
C VAL D 37 -19.58 8.01 7.22
N ARG D 38 -19.95 9.16 7.77
CA ARG D 38 -21.10 9.86 7.23
C ARG D 38 -20.75 11.29 6.90
N GLN D 39 -21.55 11.87 6.01
CA GLN D 39 -21.40 13.24 5.59
C GLN D 39 -22.76 13.91 5.69
N THR D 40 -22.84 14.96 6.51
CA THR D 40 -24.09 15.69 6.71
C THR D 40 -24.42 16.56 5.49
N PRO D 41 -25.65 17.08 5.43
CA PRO D 41 -26.03 17.93 4.30
C PRO D 41 -25.04 19.09 4.11
N GLU D 42 -24.53 19.63 5.21
CA GLU D 42 -23.57 20.73 5.15
C GLU D 42 -22.24 20.23 4.59
N LYS D 43 -22.19 18.92 4.37
CA LYS D 43 -21.03 18.23 3.81
C LYS D 43 -19.84 18.01 4.73
N ARG D 44 -20.08 17.96 6.04
CA ARG D 44 -18.98 17.71 6.97
C ARG D 44 -18.83 16.20 7.20
N LEU D 45 -17.58 15.72 7.13
CA LEU D 45 -17.28 14.30 7.32
C LEU D 45 -17.14 13.96 8.79
N GLU D 46 -17.67 12.81 9.18
CA GLU D 46 -17.60 12.37 10.57
C GLU D 46 -17.52 10.84 10.71
N TRP D 47 -16.41 10.37 11.28
CA TRP D 47 -16.20 8.93 11.49
C TRP D 47 -17.33 8.45 12.39
N VAL D 48 -17.98 7.37 12.00
CA VAL D 48 -19.12 6.88 12.78
C VAL D 48 -19.00 5.51 13.46
N ALA D 49 -18.20 4.61 12.89
CA ALA D 49 -18.08 3.29 13.49
C ALA D 49 -16.87 2.50 12.99
N PHE D 50 -16.43 1.56 13.83
CA PHE D 50 -15.29 0.70 13.54
C PHE D 50 -15.59 -0.70 14.05
N ILE D 51 -15.14 -1.70 13.30
CA ILE D 51 -15.30 -3.09 13.73
C ILE D 51 -14.08 -3.87 13.26
N SER D 52 -13.55 -4.69 14.15
CA SER D 52 -12.40 -5.51 13.85
C SER D 52 -12.77 -6.68 12.95
N ASN D 53 -11.75 -7.41 12.49
CA ASN D 53 -11.90 -8.57 11.60
C ASN D 53 -13.00 -9.54 11.99
N GLY D 54 -12.92 -10.04 13.21
CA GLY D 54 -13.90 -11.00 13.69
C GLY D 54 -15.07 -10.41 14.44
N GLY D 55 -15.11 -9.09 14.58
CA GLY D 55 -16.23 -8.47 15.28
C GLY D 55 -16.11 -8.33 16.78
N GLY D 56 -15.02 -8.82 17.36
CA GLY D 56 -14.83 -8.72 18.81
C GLY D 56 -14.62 -7.32 19.37
N SER D 57 -14.27 -6.37 18.51
CA SER D 57 -14.05 -4.99 18.94
C SER D 57 -14.82 -3.99 18.06
N THR D 58 -15.54 -3.08 18.70
CA THR D 58 -16.33 -2.08 18.01
C THR D 58 -16.16 -0.74 18.72
N TYR D 59 -15.97 0.33 17.96
CA TYR D 59 -15.79 1.65 18.55
C TYR D 59 -16.67 2.68 17.85
N TYR D 60 -17.09 3.68 18.61
CA TYR D 60 -17.95 4.72 18.09
C TYR D 60 -17.62 6.03 18.76
N PRO D 61 -17.95 7.15 18.11
CA PRO D 61 -17.68 8.45 18.73
C PRO D 61 -18.87 8.66 19.65
N ASP D 62 -18.78 9.59 20.60
CA ASP D 62 -19.87 9.84 21.54
C ASP D 62 -21.21 10.17 20.90
N THR D 63 -21.18 10.80 19.72
CA THR D 63 -22.42 11.17 19.05
C THR D 63 -23.34 10.01 18.75
N VAL D 64 -22.81 8.80 18.56
CA VAL D 64 -23.67 7.67 18.23
C VAL D 64 -23.56 6.46 19.15
N LYS D 65 -22.64 6.51 20.11
CA LYS D 65 -22.48 5.39 21.02
C LYS D 65 -23.81 5.10 21.73
N GLY D 66 -24.15 3.83 21.85
CA GLY D 66 -25.39 3.46 22.51
C GLY D 66 -26.58 3.39 21.57
N ARG D 67 -26.47 4.00 20.40
CA ARG D 67 -27.56 3.99 19.44
C ARG D 67 -27.25 3.20 18.18
N PHE D 68 -26.02 3.37 17.69
CA PHE D 68 -25.60 2.68 16.48
C PHE D 68 -24.88 1.40 16.84
N THR D 69 -25.00 0.40 15.98
CA THR D 69 -24.33 -0.86 16.17
C THR D 69 -23.76 -1.33 14.85
N ILE D 70 -22.45 -1.50 14.79
CA ILE D 70 -21.82 -1.96 13.57
C ILE D 70 -21.62 -3.46 13.70
N SER D 71 -21.92 -4.19 12.64
CA SER D 71 -21.75 -5.64 12.64
C SER D 71 -21.28 -6.04 11.26
N ARG D 72 -20.90 -7.32 11.11
CA ARG D 72 -20.42 -7.81 9.84
C ARG D 72 -20.70 -9.27 9.70
N ASP D 73 -20.93 -9.71 8.46
CA ASP D 73 -21.16 -11.10 8.17
C ASP D 73 -20.03 -11.46 7.23
N ASN D 74 -18.98 -12.06 7.78
CA ASN D 74 -17.82 -12.43 6.98
C ASN D 74 -18.07 -13.41 5.85
N ALA D 75 -18.93 -14.39 6.07
CA ALA D 75 -19.21 -15.36 5.02
C ALA D 75 -19.86 -14.65 3.84
N LYS D 76 -20.81 -13.75 4.12
CA LYS D 76 -21.50 -13.01 3.07
C LYS D 76 -20.75 -11.77 2.61
N ASN D 77 -19.55 -11.55 3.11
CA ASN D 77 -18.77 -10.37 2.71
C ASN D 77 -19.62 -9.10 2.84
N THR D 78 -20.29 -8.93 3.96
CA THR D 78 -21.15 -7.77 4.15
C THR D 78 -21.02 -7.07 5.50
N LEU D 79 -20.97 -5.74 5.46
CA LEU D 79 -20.87 -4.92 6.65
C LEU D 79 -22.24 -4.28 6.89
N TYR D 80 -22.61 -4.07 8.15
CA TYR D 80 -23.92 -3.49 8.48
C TYR D 80 -23.85 -2.37 9.51
N LEU D 81 -24.87 -1.52 9.50
CA LEU D 81 -24.97 -0.43 10.45
C LEU D 81 -26.42 -0.32 10.90
N GLN D 82 -26.68 -0.73 12.13
CA GLN D 82 -28.01 -0.67 12.71
C GLN D 82 -28.11 0.68 13.42
N MET D 83 -29.03 1.52 12.97
CA MET D 83 -29.22 2.83 13.56
C MET D 83 -30.52 2.85 14.37
N SER D 84 -30.43 3.20 15.65
CA SER D 84 -31.61 3.25 16.49
C SER D 84 -31.81 4.64 17.05
N ARG D 85 -33.02 4.91 17.55
CA ARG D 85 -33.37 6.20 18.14
C ARG D 85 -32.82 7.36 17.31
N LEU D 86 -33.10 7.31 16.02
CA LEU D 86 -32.65 8.30 15.07
C LEU D 86 -32.93 9.74 15.44
N LYS D 87 -31.92 10.58 15.26
CA LYS D 87 -32.03 12.02 15.53
C LYS D 87 -31.97 12.72 14.17
N SER D 88 -32.50 13.93 14.09
CA SER D 88 -32.47 14.68 12.85
C SER D 88 -31.00 14.97 12.50
N GLU D 89 -30.15 14.94 13.51
CA GLU D 89 -28.72 15.19 13.33
C GLU D 89 -28.07 14.00 12.62
N ASP D 90 -28.77 12.88 12.58
CA ASP D 90 -28.24 11.68 11.93
C ASP D 90 -28.46 11.70 10.42
N THR D 91 -29.19 12.70 9.94
CA THR D 91 -29.46 12.80 8.51
C THR D 91 -28.15 13.04 7.79
N ALA D 92 -27.84 12.20 6.81
CA ALA D 92 -26.60 12.34 6.07
C ALA D 92 -26.34 11.20 5.10
N MET D 93 -25.21 11.29 4.42
CA MET D 93 -24.78 10.25 3.47
C MET D 93 -23.87 9.30 4.25
N TYR D 94 -24.20 8.01 4.25
CA TYR D 94 -23.39 7.02 4.96
C TYR D 94 -22.52 6.22 4.00
N TYR D 95 -21.23 6.16 4.32
CA TYR D 95 -20.26 5.42 3.53
C TYR D 95 -19.56 4.30 4.30
N CYS D 96 -19.32 3.15 3.66
CA CYS D 96 -18.53 2.11 4.32
C CYS D 96 -17.13 2.42 3.81
N ALA D 97 -16.12 2.04 4.58
CA ALA D 97 -14.76 2.32 4.19
C ALA D 97 -13.81 1.27 4.71
N ARG D 98 -12.71 1.09 3.99
CA ARG D 98 -11.70 0.13 4.37
C ARG D 98 -10.37 0.85 4.33
N GLY D 99 -9.42 0.43 5.16
CA GLY D 99 -8.13 1.09 5.17
C GLY D 99 -7.02 0.35 4.45
N ARG D 100 -5.83 0.94 4.50
CA ARG D 100 -4.64 0.38 3.86
C ARG D 100 -3.44 0.90 4.64
N GLY D 101 -2.50 0.01 4.94
CA GLY D 101 -1.33 0.41 5.71
C GLY D 101 -1.81 0.81 7.09
N TYR D 102 -1.65 2.09 7.41
CA TYR D 102 -2.10 2.63 8.69
C TYR D 102 -3.26 3.59 8.45
N VAL D 103 -3.65 3.75 7.19
CA VAL D 103 -4.75 4.63 6.85
C VAL D 103 -6.08 3.92 7.06
N TRP D 104 -6.98 4.58 7.78
CA TRP D 104 -8.30 4.03 8.07
C TRP D 104 -9.19 3.95 6.85
N PHE D 105 -9.29 5.06 6.13
CA PHE D 105 -10.16 5.17 4.96
C PHE D 105 -9.44 5.29 3.62
N ALA D 106 -8.98 4.15 3.10
CA ALA D 106 -8.26 4.13 1.82
C ALA D 106 -9.21 3.92 0.65
N TYR D 107 -10.30 3.18 0.90
CA TYR D 107 -11.31 2.90 -0.11
C TYR D 107 -12.67 3.27 0.47
N TRP D 108 -13.52 3.89 -0.36
CA TRP D 108 -14.85 4.32 0.04
C TRP D 108 -15.92 3.77 -0.89
N GLY D 109 -17.12 3.57 -0.35
CA GLY D 109 -18.23 3.09 -1.16
C GLY D 109 -18.89 4.26 -1.86
N GLN D 110 -20.04 4.03 -2.49
CA GLN D 110 -20.75 5.10 -3.20
C GLN D 110 -21.62 5.91 -2.25
N GLY D 111 -22.00 5.29 -1.13
CA GLY D 111 -22.82 5.97 -0.15
C GLY D 111 -24.31 5.75 -0.29
N THR D 112 -25.02 5.75 0.84
CA THR D 112 -26.47 5.61 0.86
C THR D 112 -26.98 6.69 1.81
N THR D 113 -27.99 7.43 1.39
CA THR D 113 -28.54 8.52 2.19
C THR D 113 -29.64 8.14 3.16
N VAL D 114 -29.48 8.62 4.38
CA VAL D 114 -30.47 8.39 5.41
C VAL D 114 -31.04 9.78 5.72
N THR D 115 -32.35 9.92 5.55
CA THR D 115 -33.02 11.19 5.80
C THR D 115 -33.98 11.07 6.97
N VAL D 116 -33.74 11.87 8.01
CA VAL D 116 -34.58 11.86 9.19
C VAL D 116 -35.50 13.08 9.18
N SER D 117 -36.81 12.83 9.03
CA SER D 117 -37.81 13.90 8.97
C SER D 117 -37.81 14.83 10.19
N SER D 118 -38.79 15.73 10.22
CA SER D 118 -38.96 16.73 11.29
C SER D 118 -38.05 17.95 11.13
N GLN E 2 22.06 1.44 14.89
CA GLN E 2 20.75 0.87 14.50
C GLN E 2 20.89 -0.63 14.27
N GLN E 3 19.97 -1.22 13.52
CA GLN E 3 19.96 -2.65 13.25
C GLN E 3 21.02 -3.09 12.23
N GLN E 4 21.67 -4.21 12.51
CA GLN E 4 22.68 -4.74 11.59
C GLN E 4 21.97 -5.71 10.65
N GLN E 5 22.19 -5.52 9.35
CA GLN E 5 21.57 -6.36 8.33
C GLN E 5 22.13 -7.78 8.30
N GLN E 6 21.25 -8.75 8.09
CA GLN E 6 21.66 -10.14 8.01
C GLN E 6 21.68 -10.60 6.55
N GLN E 7 22.72 -11.35 6.18
CA GLN E 7 22.84 -11.85 4.81
C GLN E 7 23.31 -13.30 4.82
N GLN E 8 23.24 -13.94 3.66
CA GLN E 8 23.68 -15.33 3.49
C GLN E 8 24.28 -15.53 2.10
N GLN E 9 25.19 -16.50 1.98
CA GLN E 9 25.77 -16.81 0.68
C GLN E 9 24.68 -17.65 0.03
N GLN E 10 24.38 -17.37 -1.23
CA GLN E 10 23.32 -18.09 -1.94
C GLN E 10 23.71 -19.46 -2.46
N GLN E 11 25.01 -19.75 -2.45
CA GLN E 11 25.49 -21.04 -2.91
C GLN E 11 26.29 -21.76 -1.83
N GLY E 12 25.97 -23.04 -1.64
CA GLY E 12 26.67 -23.83 -0.65
C GLY E 12 26.60 -25.31 -0.97
N GLN F 2 4.14 16.55 24.42
CA GLN F 2 2.67 16.50 24.20
C GLN F 2 2.18 15.06 24.24
N GLN F 3 1.43 14.67 23.22
CA GLN F 3 0.87 13.32 23.12
C GLN F 3 1.44 12.58 21.90
N GLN F 4 1.41 11.26 21.97
CA GLN F 4 1.92 10.41 20.89
C GLN F 4 0.78 9.71 20.15
N GLN F 5 0.70 9.92 18.84
CA GLN F 5 -0.34 9.30 18.02
C GLN F 5 -0.19 7.79 17.92
N GLN F 6 -1.25 7.06 18.23
CA GLN F 6 -1.24 5.60 18.15
C GLN F 6 -1.95 5.16 16.87
N GLN F 7 -1.39 4.14 16.21
CA GLN F 7 -1.96 3.62 14.97
C GLN F 7 -2.15 2.12 14.99
N GLN F 8 -2.71 1.61 13.91
CA GLN F 8 -2.95 0.18 13.74
C GLN F 8 -2.76 -0.18 12.28
N GLN F 9 -2.27 -1.38 12.02
CA GLN F 9 -2.09 -1.84 10.65
C GLN F 9 -3.49 -2.28 10.23
N GLN F 10 -3.93 -1.86 9.06
CA GLN F 10 -5.27 -2.17 8.60
C GLN F 10 -5.52 -3.62 8.17
N GLN F 11 -4.50 -4.27 7.64
CA GLN F 11 -4.62 -5.66 7.20
C GLN F 11 -4.12 -6.65 8.25
N GLY F 12 -4.77 -7.79 8.37
CA GLY F 12 -4.34 -8.75 9.37
C GLY F 12 -4.93 -10.14 9.20
#